data_6LFF
#
_entry.id   6LFF
#
_cell.length_a   45.320
_cell.length_b   45.320
_cell.length_c   97.862
_cell.angle_alpha   90.00
_cell.angle_beta   90.00
_cell.angle_gamma   120.00
#
_symmetry.space_group_name_H-M   'P 31'
#
loop_
_entity.id
_entity.type
_entity.pdbx_description
1 polymer 'DNA-binding protein SATB1'
2 polymer "DNA (5'-D(*GP*(C7R)P*(PST)P*AP*AP*TP*AP*TP*AP*TP*GP*C)-3')"
3 polymer "DNA (5'-D(*GP*CP*AP*TP*(AS)P*(PST)P*(AS)P*(PST)P*TP*AP*GP*C)-3')"
4 water water
#
loop_
_entity_poly.entity_id
_entity_poly.type
_entity_poly.pdbx_seq_one_letter_code
_entity_poly.pdbx_strand_id
1 'polypeptide(L)'
;GSHMNTEVSSEIYQWVRDELKRAGISQAVFARVAFNRTQGLLSEILRKEEDPKTASQSLLVNLRAMQNFLQLPEAERDRI
YQDERERSLRKRK
;
A,B
2 'polydeoxyribonucleotide' (DG)(C7R)(PST)(DA)(DA)(DT)(DA)(DT)(DA)(DT)(DG)(DC) C
3 'polydeoxyribonucleotide' (DG)(DC)(DA)(DT)(AS)(PST)(AS)(PST)(DT)(DA)(DG)(DC) D
#
loop_
_chem_comp.id
_chem_comp.type
_chem_comp.name
_chem_comp.formula
AS DNA linking '2-DEOXY-ADENOSINE -5'-THIO-MONOPHOSPHATE' 'C10 H14 N5 O5 P S'
C7R DNA linking 2'-deoxy-5'-O-thiophosphonocytidine 'C9 H14 N3 O6 P S'
DA DNA linking 2'-DEOXYADENOSINE-5'-MONOPHOSPHATE 'C10 H14 N5 O6 P'
DC DNA linking 2'-DEOXYCYTIDINE-5'-MONOPHOSPHATE 'C9 H14 N3 O7 P'
DG DNA linking 2'-DEOXYGUANOSINE-5'-MONOPHOSPHATE 'C10 H14 N5 O7 P'
DT DNA linking THYMIDINE-5'-MONOPHOSPHATE 'C10 H15 N2 O8 P'
PST DNA linking THYMIDINE-5'-THIOPHOSPHATE 'C10 H15 N2 O7 P S'
#
# COMPACT_ATOMS: atom_id res chain seq x y z
N VAL A 8 -21.93 -3.17 -21.01
CA VAL A 8 -20.49 -2.87 -20.75
C VAL A 8 -19.64 -3.48 -21.87
N SER A 9 -18.76 -2.68 -22.47
CA SER A 9 -17.82 -3.08 -23.54
C SER A 9 -16.92 -4.21 -23.07
N SER A 10 -16.62 -5.17 -23.95
CA SER A 10 -15.61 -6.24 -23.73
C SER A 10 -14.20 -5.64 -23.78
N GLU A 11 -14.07 -4.41 -24.32
CA GLU A 11 -12.79 -3.68 -24.49
C GLU A 11 -12.43 -2.90 -23.22
N ILE A 12 -13.29 -2.88 -22.21
CA ILE A 12 -13.12 -2.07 -20.96
C ILE A 12 -11.70 -2.27 -20.40
N TYR A 13 -11.17 -3.49 -20.41
CA TYR A 13 -9.90 -3.85 -19.74
C TYR A 13 -8.70 -3.15 -20.41
N GLN A 14 -8.65 -3.14 -21.74
CA GLN A 14 -7.56 -2.47 -22.50
C GLN A 14 -7.73 -0.95 -22.43
N TRP A 15 -8.98 -0.46 -22.42
CA TRP A 15 -9.33 0.98 -22.28
C TRP A 15 -8.79 1.53 -20.94
N VAL A 16 -8.85 0.74 -19.86
CA VAL A 16 -8.31 1.12 -18.52
C VAL A 16 -6.78 1.13 -18.58
N ARG A 17 -6.17 0.06 -19.11
CA ARG A 17 -4.69 -0.06 -19.24
C ARG A 17 -4.17 1.10 -20.09
N ASP A 18 -4.80 1.36 -21.22
CA ASP A 18 -4.45 2.50 -22.13
C ASP A 18 -4.58 3.81 -21.33
N GLU A 19 -5.63 3.94 -20.52
CA GLU A 19 -5.89 5.16 -19.70
C GLU A 19 -4.83 5.32 -18.61
N LEU A 20 -4.38 4.22 -18.00
CA LEU A 20 -3.30 4.23 -16.96
C LEU A 20 -1.99 4.70 -17.61
N LYS A 21 -1.63 4.10 -18.74
CA LYS A 21 -0.43 4.45 -19.56
C LYS A 21 -0.50 5.94 -19.94
N ARG A 22 -1.62 6.36 -20.53
CA ARG A 22 -1.84 7.74 -21.08
C ARG A 22 -1.70 8.77 -19.95
N ALA A 23 -2.42 8.58 -18.84
CA ALA A 23 -2.55 9.58 -17.75
C ALA A 23 -1.29 9.59 -16.87
N GLY A 24 -0.46 8.55 -16.94
CA GLY A 24 0.71 8.34 -16.04
C GLY A 24 0.28 8.28 -14.59
N ILE A 25 -0.56 7.31 -14.25
CA ILE A 25 -1.34 7.25 -12.97
C ILE A 25 -1.22 5.86 -12.35
N SER A 26 -1.29 5.77 -11.02
CA SER A 26 -1.25 4.49 -10.26
C SER A 26 -2.64 3.80 -10.31
N GLN A 27 -2.68 2.47 -10.21
CA GLN A 27 -3.92 1.67 -9.97
C GLN A 27 -4.69 2.22 -8.75
N ALA A 28 -3.99 2.62 -7.68
CA ALA A 28 -4.60 3.14 -6.43
C ALA A 28 -5.40 4.40 -6.75
N VAL A 29 -4.83 5.32 -7.53
CA VAL A 29 -5.48 6.63 -7.83
C VAL A 29 -6.69 6.35 -8.74
N PHE A 30 -6.50 5.60 -9.84
CA PHE A 30 -7.59 5.29 -10.78
C PHE A 30 -8.72 4.56 -10.03
N ALA A 31 -8.38 3.53 -9.25
CA ALA A 31 -9.38 2.71 -8.53
C ALA A 31 -10.25 3.59 -7.63
N ARG A 32 -9.64 4.54 -6.94
CA ARG A 32 -10.33 5.43 -5.97
C ARG A 32 -11.29 6.37 -6.73
N VAL A 33 -10.79 7.09 -7.74
CA VAL A 33 -11.58 8.13 -8.46
C VAL A 33 -12.60 7.46 -9.39
N ALA A 34 -12.25 6.37 -10.07
CA ALA A 34 -13.05 5.74 -11.15
C ALA A 34 -14.23 4.96 -10.56
N PHE A 35 -14.02 4.21 -9.48
CA PHE A 35 -15.11 3.38 -8.92
C PHE A 35 -15.01 3.21 -7.40
N ASN A 36 -14.26 4.08 -6.70
CA ASN A 36 -14.24 4.16 -5.22
C ASN A 36 -13.84 2.81 -4.62
N ARG A 37 -12.85 2.15 -5.21
CA ARG A 37 -12.35 0.84 -4.70
C ARG A 37 -10.83 0.87 -4.56
N THR A 38 -10.24 -0.26 -4.13
CA THR A 38 -8.83 -0.31 -3.71
C THR A 38 -7.95 -0.84 -4.84
N GLN A 39 -6.65 -0.60 -4.69
CA GLN A 39 -5.58 -0.97 -5.65
C GLN A 39 -5.63 -2.46 -5.96
N GLY A 40 -5.66 -3.33 -4.94
CA GLY A 40 -5.59 -4.80 -5.14
C GLY A 40 -6.76 -5.32 -5.97
N LEU A 41 -7.94 -4.76 -5.79
CA LEU A 41 -9.15 -5.18 -6.55
C LEU A 41 -8.96 -4.84 -8.03
N LEU A 42 -8.51 -3.64 -8.36
CA LEU A 42 -8.28 -3.25 -9.77
C LEU A 42 -7.21 -4.19 -10.38
N SER A 43 -6.14 -4.47 -9.64
CA SER A 43 -5.08 -5.41 -10.10
C SER A 43 -5.71 -6.76 -10.47
N GLU A 44 -6.55 -7.33 -9.59
CA GLU A 44 -7.23 -8.63 -9.85
C GLU A 44 -8.21 -8.48 -11.02
N ILE A 45 -8.98 -7.38 -11.07
CA ILE A 45 -9.97 -7.10 -12.14
C ILE A 45 -9.24 -7.11 -13.50
N LEU A 46 -8.10 -6.43 -13.59
CA LEU A 46 -7.30 -6.28 -14.84
C LEU A 46 -6.67 -7.61 -15.25
N ARG A 47 -6.24 -8.44 -14.28
CA ARG A 47 -5.58 -9.75 -14.55
C ARG A 47 -6.59 -10.74 -15.14
N LYS A 48 -7.77 -10.86 -14.52
CA LYS A 48 -8.77 -11.94 -14.80
C LYS A 48 -9.46 -11.69 -16.15
N GLU A 49 -9.70 -10.42 -16.50
CA GLU A 49 -10.40 -10.00 -17.75
C GLU A 49 -11.63 -10.89 -17.96
N GLU A 50 -12.48 -11.01 -16.93
CA GLU A 50 -13.69 -11.88 -16.94
C GLU A 50 -14.72 -11.26 -17.89
N ASP A 51 -15.30 -12.07 -18.78
CA ASP A 51 -16.32 -11.67 -19.78
C ASP A 51 -17.40 -10.84 -19.08
N PRO A 52 -17.58 -9.54 -19.42
CA PRO A 52 -18.58 -8.70 -18.77
C PRO A 52 -19.95 -9.38 -18.56
N LYS A 53 -20.39 -10.20 -19.53
CA LYS A 53 -21.66 -10.98 -19.44
C LYS A 53 -21.55 -11.99 -18.29
N THR A 54 -20.38 -12.62 -18.14
CA THR A 54 -20.03 -13.55 -17.02
C THR A 54 -19.31 -12.75 -15.93
N ALA A 55 -20.06 -11.95 -15.17
CA ALA A 55 -19.55 -11.11 -14.06
C ALA A 55 -20.66 -10.90 -13.03
N SER A 56 -20.34 -11.05 -11.73
CA SER A 56 -21.19 -10.65 -10.58
C SER A 56 -21.73 -9.25 -10.83
N GLN A 57 -22.97 -8.96 -10.41
CA GLN A 57 -23.55 -7.59 -10.50
C GLN A 57 -22.57 -6.61 -9.84
N SER A 58 -22.01 -6.98 -8.68
CA SER A 58 -20.97 -6.21 -7.94
C SER A 58 -19.86 -5.80 -8.92
N LEU A 59 -19.26 -6.77 -9.63
CA LEU A 59 -18.16 -6.54 -10.60
C LEU A 59 -18.68 -5.74 -11.81
N LEU A 60 -19.86 -6.08 -12.35
CA LEU A 60 -20.45 -5.35 -13.51
C LEU A 60 -20.65 -3.88 -13.14
N VAL A 61 -21.10 -3.58 -11.91
CA VAL A 61 -21.30 -2.18 -11.42
C VAL A 61 -19.94 -1.45 -11.43
N ASN A 62 -18.88 -2.14 -11.02
CA ASN A 62 -17.50 -1.59 -11.01
C ASN A 62 -17.06 -1.24 -12.44
N LEU A 63 -17.20 -2.17 -13.38
CA LEU A 63 -16.82 -1.99 -14.82
C LEU A 63 -17.61 -0.83 -15.44
N ARG A 64 -18.92 -0.73 -15.17
CA ARG A 64 -19.76 0.35 -15.74
C ARG A 64 -19.44 1.66 -14.99
N ALA A 65 -19.07 1.60 -13.71
CA ALA A 65 -18.54 2.77 -12.97
C ALA A 65 -17.25 3.25 -13.66
N MET A 66 -16.37 2.30 -14.01
CA MET A 66 -15.10 2.61 -14.70
C MET A 66 -15.40 3.16 -16.10
N GLN A 67 -16.28 2.49 -16.86
CA GLN A 67 -16.69 2.90 -18.24
C GLN A 67 -17.34 4.29 -18.18
N ASN A 68 -18.23 4.53 -17.21
CA ASN A 68 -18.87 5.85 -16.93
C ASN A 68 -17.78 6.92 -16.71
N PHE A 69 -16.77 6.60 -15.92
CA PHE A 69 -15.66 7.52 -15.60
C PHE A 69 -14.82 7.78 -16.86
N LEU A 70 -14.56 6.75 -17.66
CA LEU A 70 -13.69 6.80 -18.87
C LEU A 70 -14.37 7.58 -20.00
N GLN A 71 -15.71 7.67 -19.98
CA GLN A 71 -16.50 8.42 -20.99
C GLN A 71 -16.54 9.91 -20.64
N LEU A 72 -16.03 10.30 -19.45
CA LEU A 72 -15.86 11.73 -19.08
C LEU A 72 -14.83 12.36 -20.02
N PRO A 73 -14.87 13.70 -20.21
CA PRO A 73 -13.81 14.39 -20.93
C PRO A 73 -12.41 14.10 -20.36
N GLU A 74 -11.43 13.86 -21.24
CA GLU A 74 -10.00 13.61 -20.88
C GLU A 74 -9.52 14.72 -19.93
N ALA A 75 -9.89 15.97 -20.22
CA ALA A 75 -9.53 17.17 -19.42
C ALA A 75 -10.01 17.03 -17.97
N GLU A 76 -11.25 16.57 -17.77
CA GLU A 76 -11.86 16.44 -16.41
C GLU A 76 -11.22 15.25 -15.69
N ARG A 77 -11.06 14.12 -16.38
CA ARG A 77 -10.39 12.91 -15.82
C ARG A 77 -9.01 13.34 -15.29
N ASP A 78 -8.21 14.01 -16.14
CA ASP A 78 -6.82 14.42 -15.81
C ASP A 78 -6.83 15.36 -14.59
N ARG A 79 -7.85 16.21 -14.44
CA ARG A 79 -7.98 17.15 -13.30
C ARG A 79 -8.34 16.38 -12.03
N ILE A 80 -9.24 15.40 -12.14
CA ILE A 80 -9.68 14.54 -11.00
C ILE A 80 -8.46 13.78 -10.48
N TYR A 81 -7.65 13.21 -11.39
CA TYR A 81 -6.40 12.49 -11.07
C TYR A 81 -5.47 13.37 -10.24
N GLN A 82 -5.38 14.66 -10.56
CA GLN A 82 -4.46 15.64 -9.91
C GLN A 82 -4.97 15.99 -8.51
N ASP A 83 -6.28 16.19 -8.35
CA ASP A 83 -6.93 16.41 -7.03
C ASP A 83 -6.58 15.24 -6.12
N GLU A 84 -6.81 14.00 -6.57
CA GLU A 84 -6.58 12.76 -5.80
C GLU A 84 -5.09 12.65 -5.42
N ARG A 85 -4.18 13.04 -6.31
CA ARG A 85 -2.71 13.04 -6.04
C ARG A 85 -2.41 14.02 -4.90
N GLU A 86 -2.81 15.29 -5.06
CA GLU A 86 -2.57 16.37 -4.06
C GLU A 86 -3.36 16.10 -2.78
N ARG A 87 -4.53 15.44 -2.89
CA ARG A 87 -5.38 15.03 -1.75
C ARG A 87 -4.70 13.88 -1.00
N SER A 88 -3.94 13.04 -1.72
CA SER A 88 -3.15 11.91 -1.17
C SER A 88 -1.83 12.42 -0.59
N LEU A 89 -1.03 13.09 -1.43
CA LEU A 89 0.30 13.66 -1.07
C LEU A 89 0.11 14.79 -0.04
N VAL B 8 24.11 -4.47 17.97
CA VAL B 8 22.72 -4.97 17.72
C VAL B 8 22.71 -6.49 17.90
N SER B 9 21.73 -6.99 18.68
CA SER B 9 21.53 -8.42 18.98
C SER B 9 21.10 -9.18 17.72
N SER B 10 21.52 -10.44 17.59
CA SER B 10 21.10 -11.36 16.49
C SER B 10 19.67 -11.87 16.74
N GLU B 11 19.07 -11.50 17.88
CA GLU B 11 17.67 -11.84 18.24
C GLU B 11 16.70 -10.78 17.67
N ILE B 12 17.21 -9.62 17.21
CA ILE B 12 16.40 -8.42 16.84
C ILE B 12 15.23 -8.83 15.92
N TYR B 13 15.46 -9.76 14.98
CA TYR B 13 14.44 -10.19 13.98
C TYR B 13 13.29 -10.90 14.68
N GLN B 14 13.60 -11.73 15.68
CA GLN B 14 12.59 -12.44 16.51
C GLN B 14 11.85 -11.41 17.37
N TRP B 15 12.57 -10.44 17.96
CA TRP B 15 12.00 -9.34 18.78
C TRP B 15 10.99 -8.51 17.97
N VAL B 16 11.34 -8.14 16.74
CA VAL B 16 10.47 -7.34 15.83
C VAL B 16 9.21 -8.15 15.51
N ARG B 17 9.38 -9.39 15.05
CA ARG B 17 8.26 -10.31 14.72
C ARG B 17 7.33 -10.44 15.94
N ASP B 18 7.88 -10.67 17.14
CA ASP B 18 7.10 -10.82 18.39
C ASP B 18 6.35 -9.51 18.67
N GLU B 19 6.96 -8.36 18.36
CA GLU B 19 6.39 -7.01 18.65
C GLU B 19 5.18 -6.74 17.76
N LEU B 20 5.23 -7.15 16.49
CA LEU B 20 4.12 -6.94 15.52
C LEU B 20 2.90 -7.76 15.94
N LYS B 21 3.12 -9.02 16.34
CA LYS B 21 2.06 -9.94 16.84
C LYS B 21 1.49 -9.39 18.16
N ARG B 22 2.35 -8.98 19.10
CA ARG B 22 1.96 -8.42 20.42
C ARG B 22 1.04 -7.21 20.22
N ALA B 23 1.52 -6.18 19.53
CA ALA B 23 0.81 -4.90 19.31
C ALA B 23 -0.30 -5.08 18.26
N GLY B 24 -0.25 -6.16 17.48
CA GLY B 24 -1.19 -6.42 16.37
C GLY B 24 -1.18 -5.27 15.38
N ILE B 25 0.03 -4.87 14.95
CA ILE B 25 0.24 -3.74 14.01
C ILE B 25 0.83 -4.29 12.71
N SER B 26 0.64 -3.52 11.63
CA SER B 26 1.15 -3.85 10.27
C SER B 26 2.65 -3.55 10.20
N GLN B 27 3.32 -4.13 9.20
CA GLN B 27 4.70 -3.78 8.80
C GLN B 27 4.82 -2.28 8.53
N ALA B 28 3.83 -1.66 7.89
CA ALA B 28 3.84 -0.23 7.50
C ALA B 28 3.92 0.63 8.77
N VAL B 29 3.11 0.34 9.78
CA VAL B 29 3.08 1.14 11.03
C VAL B 29 4.45 1.03 11.71
N PHE B 30 4.95 -0.18 11.96
CA PHE B 30 6.24 -0.39 12.68
C PHE B 30 7.37 0.32 11.93
N ALA B 31 7.48 0.08 10.62
CA ALA B 31 8.55 0.65 9.77
C ALA B 31 8.58 2.17 9.91
N ARG B 32 7.41 2.82 9.90
CA ARG B 32 7.28 4.29 9.95
C ARG B 32 7.79 4.81 11.31
N VAL B 33 7.29 4.26 12.41
CA VAL B 33 7.52 4.83 13.78
C VAL B 33 8.87 4.35 14.33
N ALA B 34 9.34 3.16 13.95
CA ALA B 34 10.55 2.52 14.52
C ALA B 34 11.83 3.00 13.82
N PHE B 35 11.83 3.16 12.49
CA PHE B 35 13.09 3.54 11.77
C PHE B 35 12.83 4.43 10.54
N ASN B 36 11.62 4.99 10.40
CA ASN B 36 11.26 6.02 9.39
C ASN B 36 11.49 5.43 7.99
N ARG B 37 10.91 4.26 7.76
CA ARG B 37 11.01 3.53 6.46
C ARG B 37 9.64 2.97 6.09
N THR B 38 9.58 2.30 4.94
CA THR B 38 8.34 1.78 4.32
C THR B 38 8.23 0.27 4.51
N GLN B 39 7.03 -0.24 4.29
CA GLN B 39 6.63 -1.64 4.55
C GLN B 39 7.51 -2.60 3.76
N GLY B 40 7.74 -2.35 2.47
CA GLY B 40 8.50 -3.26 1.58
C GLY B 40 9.90 -3.51 2.13
N LEU B 41 10.54 -2.47 2.68
CA LEU B 41 11.91 -2.61 3.25
C LEU B 41 11.86 -3.50 4.50
N LEU B 42 10.89 -3.29 5.39
CA LEU B 42 10.77 -4.15 6.60
C LEU B 42 10.52 -5.61 6.17
N SER B 43 9.66 -5.84 5.18
CA SER B 43 9.38 -7.19 4.61
C SER B 43 10.70 -7.85 4.18
N GLU B 44 11.53 -7.14 3.43
CA GLU B 44 12.84 -7.63 2.92
C GLU B 44 13.79 -7.86 4.09
N ILE B 45 13.82 -6.95 5.06
CA ILE B 45 14.72 -7.06 6.26
C ILE B 45 14.36 -8.34 7.01
N LEU B 46 13.08 -8.58 7.27
CA LEU B 46 12.60 -9.73 8.08
C LEU B 46 12.79 -11.05 7.31
N ARG B 47 12.64 -11.04 5.99
CA ARG B 47 12.81 -12.25 5.14
C ARG B 47 14.30 -12.65 5.12
N LYS B 48 15.18 -11.72 4.73
CA LYS B 48 16.65 -11.95 4.56
C LYS B 48 17.28 -12.35 5.90
N GLU B 49 16.91 -11.66 6.98
CA GLU B 49 17.37 -11.96 8.37
C GLU B 49 18.91 -11.97 8.41
N GLU B 50 19.54 -10.99 7.76
CA GLU B 50 21.02 -10.83 7.67
C GLU B 50 21.64 -10.81 9.07
N ASP B 51 22.73 -11.56 9.28
CA ASP B 51 23.52 -11.52 10.54
C ASP B 51 24.00 -10.09 10.74
N PRO B 52 23.69 -9.43 11.88
CA PRO B 52 24.06 -8.03 12.10
C PRO B 52 25.56 -7.71 12.01
N LYS B 53 26.43 -8.72 12.08
CA LYS B 53 27.92 -8.57 12.01
C LYS B 53 28.38 -8.48 10.55
N THR B 54 27.69 -9.18 9.65
CA THR B 54 27.93 -9.16 8.18
C THR B 54 27.08 -8.08 7.51
N ALA B 55 26.15 -7.47 8.26
CA ALA B 55 25.15 -6.49 7.76
C ALA B 55 25.86 -5.23 7.25
N SER B 56 25.37 -4.67 6.14
CA SER B 56 25.77 -3.35 5.58
C SER B 56 25.51 -2.27 6.63
N GLN B 57 26.18 -1.12 6.49
CA GLN B 57 26.00 0.06 7.36
C GLN B 57 24.53 0.49 7.33
N SER B 58 23.93 0.58 6.14
CA SER B 58 22.50 0.96 5.92
C SER B 58 21.59 0.10 6.79
N LEU B 59 21.77 -1.23 6.74
CA LEU B 59 20.92 -2.19 7.50
C LEU B 59 21.16 -2.04 9.00
N LEU B 60 22.42 -1.93 9.43
CA LEU B 60 22.77 -1.89 10.88
C LEU B 60 22.14 -0.64 11.50
N VAL B 61 22.10 0.48 10.78
CA VAL B 61 21.49 1.75 11.26
C VAL B 61 19.98 1.54 11.40
N ASN B 62 19.37 0.81 10.47
CA ASN B 62 17.92 0.50 10.52
C ASN B 62 17.63 -0.45 11.68
N LEU B 63 18.43 -1.52 11.85
CA LEU B 63 18.28 -2.51 12.95
C LEU B 63 18.53 -1.82 14.30
N ARG B 64 19.56 -0.97 14.38
CA ARG B 64 19.89 -0.11 15.55
C ARG B 64 18.67 0.71 15.95
N ALA B 65 18.06 1.43 14.99
CA ALA B 65 16.90 2.31 15.21
C ALA B 65 15.71 1.49 15.72
N MET B 66 15.52 0.28 15.20
CA MET B 66 14.42 -0.64 15.61
C MET B 66 14.68 -1.11 17.05
N GLN B 67 15.91 -1.50 17.35
CA GLN B 67 16.32 -1.96 18.70
C GLN B 67 16.10 -0.82 19.70
N ASN B 68 16.54 0.39 19.35
CA ASN B 68 16.31 1.65 20.13
C ASN B 68 14.82 1.76 20.49
N PHE B 69 13.95 1.69 19.47
CA PHE B 69 12.48 1.80 19.63
C PHE B 69 11.94 0.69 20.55
N LEU B 70 12.41 -0.54 20.39
CA LEU B 70 11.90 -1.73 21.15
C LEU B 70 12.32 -1.63 22.62
N GLN B 71 13.37 -0.85 22.92
CA GLN B 71 13.88 -0.60 24.30
C GLN B 71 13.01 0.43 25.02
N LEU B 72 12.17 1.19 24.28
CA LEU B 72 11.15 2.10 24.88
C LEU B 72 10.17 1.28 25.70
N PRO B 73 9.47 1.89 26.69
CA PRO B 73 8.48 1.17 27.48
C PRO B 73 7.30 0.69 26.61
N GLU B 74 6.78 -0.50 26.91
CA GLU B 74 5.67 -1.15 26.16
C GLU B 74 4.50 -0.17 26.00
N ALA B 75 4.19 0.58 27.06
CA ALA B 75 3.07 1.55 27.13
C ALA B 75 3.31 2.70 26.14
N GLU B 76 4.54 3.21 26.07
CA GLU B 76 4.92 4.35 25.18
C GLU B 76 4.84 3.90 23.72
N ARG B 77 5.37 2.72 23.40
CA ARG B 77 5.32 2.11 22.04
C ARG B 77 3.85 2.01 21.61
N ASP B 78 2.99 1.48 22.47
CA ASP B 78 1.54 1.30 22.18
C ASP B 78 0.90 2.66 21.87
N ARG B 79 1.27 3.71 22.62
CA ARG B 79 0.73 5.09 22.44
C ARG B 79 1.18 5.64 21.08
N ILE B 80 2.40 5.32 20.66
CA ILE B 80 3.00 5.78 19.36
C ILE B 80 2.28 5.08 18.20
N TYR B 81 2.01 3.78 18.33
CA TYR B 81 1.25 2.98 17.34
C TYR B 81 -0.15 3.57 17.17
N GLN B 82 -0.83 3.88 18.29
CA GLN B 82 -2.19 4.47 18.32
C GLN B 82 -2.18 5.81 17.58
N ASP B 83 -1.23 6.68 17.92
CA ASP B 83 -1.01 8.02 17.30
C ASP B 83 -0.85 7.88 15.78
N GLU B 84 0.00 6.94 15.34
CA GLU B 84 0.29 6.69 13.89
C GLU B 84 -1.00 6.20 13.20
N ARG B 85 -1.70 5.24 13.82
CA ARG B 85 -2.99 4.68 13.33
C ARG B 85 -4.03 5.80 13.17
N GLU B 86 -4.14 6.70 14.15
CA GLU B 86 -5.12 7.83 14.14
C GLU B 86 -4.77 8.81 13.02
N ARG B 87 -3.49 9.18 12.90
CA ARG B 87 -2.94 10.05 11.83
C ARG B 87 -3.08 9.35 10.46
N SER B 88 -3.03 8.02 10.44
CA SER B 88 -3.20 7.17 9.23
C SER B 88 -4.67 7.13 8.82
N LEU B 89 -5.55 6.67 9.72
CA LEU B 89 -7.03 6.63 9.53
C LEU B 89 -7.54 8.03 9.13
P C7R C 2 -16.51 -6.48 -5.75
P C7R C 2 -16.50 -6.48 -5.73
C5' C7R C 2 -15.98 -5.53 -3.40
C5' C7R C 2 -16.06 -5.51 -3.34
O5' C7R C 2 -15.46 -6.13 -4.60
O5' C7R C 2 -15.53 -6.08 -4.55
C4' C7R C 2 -15.05 -5.67 -2.22
O4' C7R C 2 -14.63 -7.04 -2.08
C3' C7R C 2 -13.77 -4.86 -2.37
C3' C7R C 2 -13.77 -4.85 -2.36
O3' C7R C 2 -14.01 -3.61 -1.72
O3' C7R C 2 -13.96 -3.56 -1.77
C2' C7R C 2 -12.71 -5.73 -1.71
C1' C7R C 2 -13.46 -7.00 -1.29
N1 C7R C 2 -12.76 -8.28 -1.48
C2 C7R C 2 -12.21 -8.93 -0.38
O2 C7R C 2 -12.26 -8.37 0.74
N3 C7R C 2 -11.64 -10.15 -0.54
C4 C7R C 2 -11.62 -10.71 -1.75
N4 C7R C 2 -11.04 -11.91 -1.87
C5 C7R C 2 -12.18 -10.08 -2.89
C6 C7R C 2 -12.75 -8.87 -2.71
OP1 C7R C 2 -17.28 -5.21 -5.84
OP1 C7R C 2 -15.79 -7.14 -6.85
SP2 C7R C 2 -15.54 -7.07 -7.35
SP2 C7R C 2 -17.57 -4.89 -6.05
P PST C 3 -12.89 -2.48 -1.67
P PST C 3 -12.77 -2.49 -1.71
OP1 PST C 3 -13.57 -1.17 -1.51
OP2 PST C 3 -11.88 -2.69 -2.88
SP PST C 3 -11.60 -2.73 -3.09
SP PST C 3 -13.79 -0.82 -1.51
O5' PST C 3 -12.08 -2.82 -0.34
O5' PST C 3 -11.97 -2.89 -0.40
C5' PST C 3 -12.71 -2.88 0.95
C5' PST C 3 -12.63 -2.88 0.88
C4' PST C 3 -11.69 -3.36 1.96
O4' PST C 3 -11.29 -4.71 1.66
C3' PST C 3 -10.41 -2.53 2.03
O3' PST C 3 -10.38 -1.85 3.29
C2' PST C 3 -9.28 -3.50 1.75
C1' PST C 3 -9.89 -4.87 1.90
N1 PST C 3 -9.43 -5.90 0.94
C2 PST C 3 -8.99 -7.10 1.45
O2 PST C 3 -8.85 -7.31 2.64
N3 PST C 3 -8.69 -8.05 0.50
C4 PST C 3 -8.81 -7.92 -0.87
O4 PST C 3 -8.51 -8.86 -1.59
C5 PST C 3 -9.29 -6.64 -1.34
C5M PST C 3 -9.42 -6.39 -2.80
C6 PST C 3 -9.59 -5.71 -0.41
P AS D 5 2.93 6.04 -6.42
P AS D 5 2.99 6.10 -6.52
OP1 AS D 5 2.61 6.97 -7.54
OP1 AS D 5 2.15 6.50 -5.36
S2P AS D 5 1.69 5.94 -4.93
S2P AS D 5 3.04 7.19 -8.13
O5' AS D 5 2.92 4.58 -7.02
O5' AS D 5 2.91 4.58 -6.96
C5' AS D 5 3.69 4.19 -8.18
C5' AS D 5 3.64 4.19 -8.13
C4' AS D 5 3.70 2.68 -8.26
O4' AS D 5 4.43 2.15 -7.14
C3' AS D 5 2.33 2.02 -8.20
C3' AS D 5 2.34 2.00 -8.23
O3' AS D 5 1.77 1.61 -9.43
O3' AS D 5 2.03 1.71 -9.60
C2' AS D 5 2.55 0.79 -7.34
C1' AS D 5 4.04 0.81 -7.02
N9 AS D 5 4.37 0.38 -5.66
C8 AS D 5 4.16 1.03 -4.47
N7 AS D 5 4.57 0.37 -3.43
C5 AS D 5 5.09 -0.80 -3.96
C6 AS D 5 5.70 -1.93 -3.36
N6 AS D 5 5.89 -2.06 -2.06
N1 AS D 5 6.09 -2.93 -4.18
C2 AS D 5 5.92 -2.79 -5.50
N3 AS D 5 5.35 -1.78 -6.17
C4 AS D 5 4.97 -0.82 -5.34
P PST D 6 0.36 0.83 -9.43
P PST D 6 0.66 0.99 -10.03
OP1 PST D 6 -0.31 1.13 -10.70
OP2 PST D 6 -0.43 1.49 -9.19
SP PST D 6 -0.69 0.99 -7.78
SP PST D 6 0.62 1.26 -11.97
O5' PST D 6 0.82 -0.70 -9.46
O5' PST D 6 0.98 -0.55 -9.78
C5' PST D 6 1.81 -1.18 -10.41
C5' PST D 6 1.98 -1.19 -10.59
C4' PST D 6 2.11 -2.65 -10.22
O4' PST D 6 2.62 -2.83 -8.87
C3' PST D 6 0.88 -3.54 -10.31
C3' PST D 6 0.85 -3.52 -10.31
O3' PST D 6 1.36 -4.78 -10.83
O3' PST D 6 1.20 -4.73 -10.99
C2' PST D 6 0.47 -3.73 -8.85
C1' PST D 6 1.83 -3.77 -8.17
N1 PST D 6 1.90 -3.45 -6.73
C2 PST D 6 2.60 -4.31 -5.91
O2 PST D 6 3.14 -5.33 -6.31
N3 PST D 6 2.69 -3.91 -4.60
C4 PST D 6 2.14 -2.77 -4.04
O4 PST D 6 2.28 -2.56 -2.83
C5 PST D 6 1.40 -1.93 -4.95
C5M PST D 6 0.78 -0.67 -4.43
C6 PST D 6 1.34 -2.29 -6.24
P AS D 7 0.43 -5.74 -11.66
P AS D 7 0.09 -5.78 -11.48
OP1 AS D 7 1.08 -5.97 -12.98
OP1 AS D 7 -1.25 -5.27 -11.12
S2P AS D 7 -1.49 -5.39 -11.62
S2P AS D 7 0.49 -6.22 -13.36
O5' AS D 7 0.63 -7.13 -10.91
O5' AS D 7 0.43 -7.08 -10.63
C5' AS D 7 1.94 -7.68 -10.73
C5' AS D 7 1.76 -7.66 -10.67
C4' AS D 7 1.92 -8.78 -9.67
O4' AS D 7 1.90 -8.25 -8.34
C3' AS D 7 0.81 -9.83 -9.75
C3' AS D 7 0.82 -9.83 -9.75
O3' AS D 7 1.42 -11.12 -9.60
O3' AS D 7 1.46 -11.09 -9.55
C2' AS D 7 -0.13 -9.42 -8.62
C1' AS D 7 0.82 -8.79 -7.60
N9 AS D 7 0.27 -7.70 -6.78
C8 AS D 7 -0.43 -6.61 -7.20
N7 AS D 7 -0.70 -5.76 -6.24
C5 AS D 7 -0.12 -6.33 -5.12
C6 AS D 7 -0.03 -5.89 -3.78
N6 AS D 7 -0.59 -4.77 -3.32
N1 AS D 7 0.62 -6.70 -2.91
C2 AS D 7 1.18 -7.82 -3.37
N3 AS D 7 1.18 -8.32 -4.60
C4 AS D 7 0.52 -7.50 -5.44
P PST D 8 0.53 -12.46 -9.63
P PST D 8 0.64 -12.47 -9.62
OP1 PST D 8 1.45 -13.58 -9.94
OP2 PST D 8 -0.48 -12.30 -10.58
SP PST D 8 -1.13 -12.34 -10.62
SP PST D 8 2.22 -13.51 -10.11
O5' PST D 8 0.11 -12.63 -8.11
O5' PST D 8 0.19 -12.71 -8.12
C5' PST D 8 1.09 -12.98 -7.11
C5' PST D 8 1.15 -13.01 -7.08
C4' PST D 8 0.49 -12.96 -5.72
O4' PST D 8 0.07 -11.61 -5.39
C3' PST D 8 -0.76 -13.84 -5.54
O3' PST D 8 -0.37 -15.00 -4.80
C2' PST D 8 -1.74 -12.94 -4.79
C1' PST D 8 -0.89 -11.74 -4.37
N1 PST D 8 -1.59 -10.44 -4.23
C2 PST D 8 -1.56 -9.82 -3.00
O2 PST D 8 -0.99 -10.28 -2.03
N3 PST D 8 -2.20 -8.61 -2.96
C4 PST D 8 -2.88 -7.98 -3.98
O4 PST D 8 -3.39 -6.89 -3.79
C5 PST D 8 -2.86 -8.68 -5.25
C5M PST D 8 -3.55 -8.07 -6.43
C6 PST D 8 -2.23 -9.86 -5.31
#